data_8I6A
#
_entry.id   8I6A
#
_cell.length_a   46.580
_cell.length_b   59.700
_cell.length_c   75.070
_cell.angle_alpha   90.00
_cell.angle_beta   90.00
_cell.angle_gamma   90.00
#
_symmetry.space_group_name_H-M   'P 21 21 21'
#
loop_
_entity.id
_entity.type
_entity.pdbx_description
1 polymer 'Uracil-DNA glycosylase'
2 non-polymer 'OROTIC ACID'
3 non-polymer 1,2-ETHANEDIOL
4 water water
#
_entity_poly.entity_id   1
_entity_poly.type   'polypeptide(L)'
_entity_poly.pdbx_seq_one_letter_code
;MHHHHHHGMASMTARPLSELVERGWAAALEPVADQVAHMGQFLRAEIAAGRRYLPAGSNVLRAFTFPFDNVRVLIVGQDP
YPTPGHAVGLSFSVAPDVRPWPRSLANIFDEYTADLGYPLPSNGDLTPWAQRGVLLLNRVLTVRPSNPASHRGKGWEAVT
ECAIRALAARAAPLVAILWGRDASTLKPMLAAGNCVAIESPHPSPLSASRGFFGSRPFSRANELLVGMGAEPIDWRLP
;
_entity_poly.pdbx_strand_id   A
#
# COMPACT_ATOMS: atom_id res chain seq x y z
N ARG A 15 21.32 -3.60 9.13
CA ARG A 15 20.88 -4.83 8.42
C ARG A 15 20.85 -4.57 6.90
N PRO A 16 21.38 -5.50 6.06
CA PRO A 16 21.22 -5.42 4.60
C PRO A 16 19.81 -5.86 4.18
N LEU A 17 19.42 -5.59 2.93
CA LEU A 17 18.03 -5.80 2.47
C LEU A 17 17.59 -7.23 2.80
N SER A 18 18.42 -8.22 2.47
CA SER A 18 18.10 -9.66 2.68
C SER A 18 17.61 -9.87 4.12
N GLU A 19 18.10 -9.07 5.08
CA GLU A 19 17.73 -9.13 6.53
C GLU A 19 16.39 -8.43 6.83
N LEU A 20 15.99 -7.41 6.06
CA LEU A 20 14.85 -6.51 6.44
C LEU A 20 13.57 -6.90 5.71
N VAL A 21 13.66 -7.53 4.54
CA VAL A 21 12.50 -7.76 3.64
C VAL A 21 12.55 -9.19 3.14
N GLU A 22 11.44 -9.64 2.55
CA GLU A 22 11.32 -11.00 1.96
C GLU A 22 12.30 -11.14 0.79
N ARG A 23 12.72 -12.37 0.48
CA ARG A 23 13.77 -12.74 -0.50
C ARG A 23 13.55 -12.02 -1.83
N GLY A 24 12.41 -12.26 -2.47
CA GLY A 24 12.05 -11.62 -3.74
C GLY A 24 12.13 -10.10 -3.68
N TRP A 25 11.71 -9.51 -2.57
CA TRP A 25 11.71 -8.03 -2.39
C TRP A 25 13.16 -7.53 -2.29
N ALA A 26 14.03 -8.27 -1.60
CA ALA A 26 15.45 -7.89 -1.41
C ALA A 26 16.15 -7.82 -2.77
N ALA A 27 15.86 -8.78 -3.63
CA ALA A 27 16.37 -8.82 -5.02
C ALA A 27 15.69 -7.72 -5.86
N ALA A 28 14.36 -7.60 -5.78
CA ALA A 28 13.61 -6.53 -6.46
C ALA A 28 14.13 -5.14 -6.09
N LEU A 29 14.55 -4.94 -4.83
CA LEU A 29 14.89 -3.59 -4.31
C LEU A 29 16.41 -3.40 -4.33
N GLU A 30 17.18 -4.34 -4.86
CA GLU A 30 18.66 -4.21 -4.91
C GLU A 30 19.05 -2.85 -5.49
N PRO A 31 18.48 -2.40 -6.63
CA PRO A 31 18.85 -1.10 -7.20
C PRO A 31 18.74 0.10 -6.24
N VAL A 32 17.99 0.00 -5.14
CA VAL A 32 17.78 1.14 -4.20
C VAL A 32 18.23 0.71 -2.79
N ALA A 33 19.13 -0.27 -2.71
CA ALA A 33 19.65 -0.74 -1.42
C ALA A 33 20.37 0.40 -0.70
N ASP A 34 21.11 1.27 -1.42
CA ASP A 34 21.83 2.41 -0.78
C ASP A 34 20.78 3.42 -0.28
N GLN A 35 19.71 3.62 -1.05
CA GLN A 35 18.61 4.55 -0.71
C GLN A 35 17.89 4.04 0.56
N VAL A 36 17.60 2.76 0.61
CA VAL A 36 16.99 2.13 1.81
C VAL A 36 17.93 2.33 3.00
N ALA A 37 19.24 2.03 2.89
CA ALA A 37 20.21 2.35 3.98
C ALA A 37 20.06 3.81 4.39
N HIS A 38 20.10 4.72 3.42
CA HIS A 38 20.05 6.17 3.69
C HIS A 38 18.78 6.54 4.48
N MET A 39 17.62 5.94 4.18
CA MET A 39 16.36 6.30 4.89
C MET A 39 16.46 5.89 6.36
N GLY A 40 17.12 4.77 6.64
CA GLY A 40 17.41 4.30 8.00
C GLY A 40 18.22 5.34 8.73
N GLN A 41 19.22 5.92 8.06
CA GLN A 41 20.05 7.00 8.63
C GLN A 41 19.19 8.24 8.90
N PHE A 42 18.27 8.57 7.99
CA PHE A 42 17.34 9.73 8.11
C PHE A 42 16.51 9.58 9.39
N LEU A 43 15.86 8.43 9.56
CA LEU A 43 15.01 8.18 10.75
C LEU A 43 15.84 8.27 12.03
N ARG A 44 17.04 7.67 12.08
CA ARG A 44 17.95 7.84 13.26
C ARG A 44 18.25 9.33 13.47
N ALA A 45 18.52 10.12 12.41
CA ALA A 45 18.79 11.57 12.50
C ALA A 45 17.54 12.31 13.00
N GLU A 46 16.34 11.90 12.59
CA GLU A 46 15.11 12.50 13.14
C GLU A 46 15.07 12.33 14.67
N ILE A 47 15.33 11.15 15.19
CA ILE A 47 15.28 10.93 16.66
C ILE A 47 16.35 11.81 17.33
N ALA A 48 17.52 11.90 16.72
CA ALA A 48 18.63 12.72 17.27
C ALA A 48 18.19 14.19 17.28
N ALA A 49 17.42 14.61 16.28
CA ALA A 49 16.90 15.99 16.09
C ALA A 49 15.74 16.25 17.03
N GLY A 50 15.24 15.25 17.76
CA GLY A 50 14.13 15.46 18.71
C GLY A 50 12.78 15.39 18.00
N ARG A 51 12.71 14.85 16.79
CA ARG A 51 11.43 14.62 16.06
C ARG A 51 11.11 13.14 16.10
N ARG A 52 9.84 12.81 16.00
CA ARG A 52 9.35 11.42 16.03
C ARG A 52 8.97 10.98 14.62
N TYR A 53 8.83 9.68 14.39
CA TYR A 53 8.23 9.19 13.13
C TYR A 53 7.25 8.05 13.44
N LEU A 54 6.34 7.80 12.49
CA LEU A 54 5.47 6.61 12.43
C LEU A 54 5.59 6.05 11.01
N PRO A 55 5.33 4.73 10.78
CA PRO A 55 4.99 3.82 11.86
C PRO A 55 6.24 3.45 12.66
N ALA A 56 6.12 2.52 13.62
CA ALA A 56 7.26 1.96 14.37
C ALA A 56 8.32 1.49 13.39
N GLY A 57 9.61 1.66 13.71
CA GLY A 57 10.73 1.23 12.84
C GLY A 57 10.53 -0.17 12.29
N SER A 58 10.08 -1.10 13.12
CA SER A 58 9.88 -2.54 12.78
C SER A 58 8.80 -2.70 11.69
N ASN A 59 7.89 -1.71 11.54
CA ASN A 59 6.72 -1.78 10.63
C ASN A 59 6.96 -0.98 9.34
N VAL A 60 8.07 -0.24 9.24
CA VAL A 60 8.26 0.71 8.09
C VAL A 60 8.25 -0.06 6.76
N LEU A 61 9.01 -1.15 6.65
CA LEU A 61 9.12 -1.93 5.40
C LEU A 61 8.13 -3.10 5.40
N ARG A 62 7.13 -3.08 6.25
CA ARG A 62 6.25 -4.24 6.46
C ARG A 62 5.60 -4.71 5.15
N ALA A 63 5.22 -3.82 4.24
CA ALA A 63 4.60 -4.25 2.96
C ALA A 63 5.57 -5.14 2.18
N PHE A 64 6.88 -5.01 2.39
CA PHE A 64 7.90 -5.84 1.70
C PHE A 64 8.25 -7.13 2.45
N THR A 65 7.51 -7.54 3.48
CA THR A 65 7.80 -8.79 4.24
C THR A 65 6.85 -9.88 3.76
N PHE A 66 5.97 -9.58 2.79
CA PHE A 66 5.05 -10.55 2.14
C PHE A 66 5.61 -10.83 0.75
N PRO A 67 5.58 -12.10 0.29
CA PRO A 67 6.24 -12.51 -0.95
C PRO A 67 6.06 -11.69 -2.25
N PHE A 68 7.13 -11.10 -2.75
CA PHE A 68 7.17 -10.29 -4.01
C PHE A 68 6.52 -11.06 -5.16
N ASP A 69 6.86 -12.35 -5.34
CA ASP A 69 6.35 -13.17 -6.46
C ASP A 69 4.84 -13.42 -6.28
N ASN A 70 4.29 -13.35 -5.09
CA ASN A 70 2.85 -13.71 -4.89
C ASN A 70 1.98 -12.46 -4.98
N VAL A 71 2.50 -11.24 -5.15
CA VAL A 71 1.63 -10.02 -5.24
C VAL A 71 0.76 -10.10 -6.51
N ARG A 72 -0.56 -9.99 -6.35
N ARG A 72 -0.55 -9.92 -6.40
CA ARG A 72 -1.58 -10.07 -7.43
CA ARG A 72 -1.47 -9.93 -7.57
C ARG A 72 -2.24 -8.68 -7.61
C ARG A 72 -2.27 -8.63 -7.63
N VAL A 73 -2.41 -7.92 -6.52
CA VAL A 73 -3.06 -6.58 -6.49
C VAL A 73 -2.13 -5.59 -5.78
N LEU A 74 -1.98 -4.40 -6.38
CA LEU A 74 -1.29 -3.23 -5.79
C LEU A 74 -2.34 -2.18 -5.44
N ILE A 75 -2.43 -1.84 -4.17
CA ILE A 75 -3.22 -0.67 -3.69
C ILE A 75 -2.22 0.40 -3.27
N VAL A 76 -2.21 1.52 -3.98
CA VAL A 76 -1.24 2.61 -3.72
C VAL A 76 -1.91 3.70 -2.87
N GLY A 77 -1.31 4.01 -1.72
CA GLY A 77 -1.60 5.22 -0.93
C GLY A 77 -0.50 6.26 -1.06
N GLN A 78 -0.59 7.36 -0.32
CA GLN A 78 0.38 8.47 -0.46
C GLN A 78 1.25 8.47 0.80
N ASP A 79 0.69 8.77 1.97
CA ASP A 79 1.49 8.88 3.23
C ASP A 79 0.85 8.04 4.31
N PRO A 80 1.62 7.56 5.32
CA PRO A 80 1.01 6.86 6.44
C PRO A 80 0.04 7.78 7.18
N TYR A 81 -0.88 7.20 7.95
CA TYR A 81 -1.71 7.95 8.92
C TYR A 81 -0.80 8.83 9.77
N PRO A 82 -1.16 10.11 9.95
CA PRO A 82 -0.41 11.01 10.82
C PRO A 82 -0.73 10.92 12.32
N THR A 83 -1.89 10.38 12.68
CA THR A 83 -2.34 10.26 14.09
C THR A 83 -1.55 9.19 14.81
N PRO A 84 -1.01 9.48 16.01
CA PRO A 84 -0.34 8.45 16.81
C PRO A 84 -1.17 7.16 16.97
N GLY A 85 -0.56 6.00 16.74
CA GLY A 85 -1.20 4.71 17.03
C GLY A 85 -2.04 4.21 15.87
N HIS A 86 -1.99 4.86 14.71
CA HIS A 86 -2.76 4.42 13.52
C HIS A 86 -1.86 3.67 12.53
N ALA A 87 -0.76 4.27 12.07
CA ALA A 87 0.11 3.72 10.99
C ALA A 87 0.76 2.42 11.45
N VAL A 88 0.60 1.34 10.68
CA VAL A 88 1.21 0.02 10.98
C VAL A 88 2.00 -0.52 9.77
N GLY A 89 2.27 0.28 8.73
CA GLY A 89 3.21 -0.10 7.65
C GLY A 89 2.57 -0.84 6.50
N LEU A 90 1.25 -0.98 6.54
CA LEU A 90 0.41 -1.39 5.41
C LEU A 90 -0.56 -0.24 5.15
N SER A 91 -0.65 0.23 3.93
CA SER A 91 -1.47 1.41 3.60
C SER A 91 -2.91 1.15 4.07
N PHE A 92 -3.48 2.15 4.76
CA PHE A 92 -4.89 2.22 5.25
C PHE A 92 -5.19 1.28 6.43
N SER A 93 -4.32 0.31 6.72
CA SER A 93 -4.55 -0.65 7.83
C SER A 93 -4.40 0.06 9.19
N VAL A 94 -5.09 -0.45 10.19
CA VAL A 94 -4.85 -0.06 11.59
C VAL A 94 -4.77 -1.33 12.41
N ALA A 95 -4.15 -1.23 13.59
CA ALA A 95 -4.01 -2.35 14.55
C ALA A 95 -5.41 -2.80 14.98
N PRO A 96 -5.59 -4.10 15.32
CA PRO A 96 -6.92 -4.62 15.57
C PRO A 96 -7.66 -3.97 16.74
N ASP A 97 -6.96 -3.27 17.65
CA ASP A 97 -7.61 -2.61 18.82
C ASP A 97 -7.90 -1.13 18.52
N VAL A 98 -7.63 -0.66 17.31
CA VAL A 98 -7.92 0.77 16.98
C VAL A 98 -9.41 0.93 16.67
N ARG A 99 -10.05 1.88 17.36
CA ARG A 99 -11.49 2.23 17.20
C ARG A 99 -11.65 3.68 17.67
N PRO A 100 -12.53 4.49 17.02
CA PRO A 100 -13.12 4.17 15.73
C PRO A 100 -12.11 4.11 14.58
N TRP A 101 -12.51 3.56 13.44
CA TRP A 101 -11.67 3.53 12.24
C TRP A 101 -11.41 4.95 11.77
N PRO A 102 -10.21 5.19 11.21
CA PRO A 102 -9.97 6.41 10.44
C PRO A 102 -10.99 6.51 9.30
N ARG A 103 -11.27 7.75 8.89
CA ARG A 103 -12.35 8.08 7.91
C ARG A 103 -12.08 7.32 6.62
N SER A 104 -10.83 7.31 6.14
N SER A 104 -10.84 7.30 6.13
CA SER A 104 -10.47 6.67 4.83
CA SER A 104 -10.49 6.64 4.84
C SER A 104 -10.80 5.17 4.91
C SER A 104 -10.89 5.17 4.93
N LEU A 105 -10.57 4.55 6.05
CA LEU A 105 -10.77 3.09 6.25
C LEU A 105 -12.27 2.80 6.39
N ALA A 106 -13.01 3.62 7.15
CA ALA A 106 -14.47 3.50 7.26
C ALA A 106 -15.09 3.53 5.86
N ASN A 107 -14.61 4.43 4.99
CA ASN A 107 -15.09 4.59 3.59
C ASN A 107 -14.73 3.32 2.78
N ILE A 108 -13.50 2.84 2.90
CA ILE A 108 -13.06 1.60 2.21
C ILE A 108 -13.99 0.46 2.63
N PHE A 109 -14.25 0.32 3.93
CA PHE A 109 -15.10 -0.78 4.43
C PHE A 109 -16.54 -0.59 3.97
N ASP A 110 -17.03 0.63 3.79
CA ASP A 110 -18.41 0.79 3.23
C ASP A 110 -18.41 0.29 1.78
N GLU A 111 -17.37 0.59 0.99
CA GLU A 111 -17.34 0.09 -0.41
C GLU A 111 -17.21 -1.44 -0.38
N TYR A 112 -16.45 -1.97 0.58
CA TYR A 112 -16.21 -3.44 0.75
C TYR A 112 -17.57 -4.14 0.93
N THR A 113 -18.40 -3.65 1.85
CA THR A 113 -19.74 -4.25 2.11
C THR A 113 -20.61 -4.15 0.84
N ALA A 114 -20.64 -2.98 0.21
CA ALA A 114 -21.51 -2.69 -0.96
C ALA A 114 -21.08 -3.57 -2.15
N ASP A 115 -19.78 -3.58 -2.43
CA ASP A 115 -19.25 -4.23 -3.65
C ASP A 115 -19.40 -5.74 -3.48
N LEU A 116 -19.03 -6.25 -2.32
CA LEU A 116 -18.75 -7.69 -2.13
C LEU A 116 -19.93 -8.36 -1.42
N GLY A 117 -20.80 -7.57 -0.77
CA GLY A 117 -21.96 -8.06 0.02
C GLY A 117 -21.56 -8.69 1.34
N TYR A 118 -20.33 -8.50 1.80
CA TYR A 118 -19.87 -9.09 3.09
C TYR A 118 -20.33 -8.14 4.19
N PRO A 119 -20.50 -8.59 5.44
CA PRO A 119 -20.76 -7.65 6.54
C PRO A 119 -19.49 -6.84 6.89
N LEU A 120 -19.68 -5.72 7.59
CA LEU A 120 -18.59 -4.86 8.11
C LEU A 120 -17.54 -5.73 8.78
N PRO A 121 -16.24 -5.49 8.50
CA PRO A 121 -15.18 -6.20 9.21
C PRO A 121 -15.29 -5.99 10.71
N SER A 122 -14.78 -6.95 11.48
CA SER A 122 -14.70 -6.87 12.95
C SER A 122 -13.70 -5.80 13.38
N ASN A 123 -12.64 -5.52 12.62
CA ASN A 123 -11.68 -4.45 13.02
C ASN A 123 -10.96 -3.98 11.76
N GLY A 124 -9.95 -3.12 11.90
CA GLY A 124 -9.32 -2.41 10.77
C GLY A 124 -8.03 -3.04 10.28
N ASP A 125 -7.72 -4.26 10.71
CA ASP A 125 -6.42 -4.92 10.43
C ASP A 125 -6.50 -5.58 9.06
N LEU A 126 -5.78 -5.05 8.06
CA LEU A 126 -5.84 -5.60 6.68
C LEU A 126 -4.76 -6.68 6.45
N THR A 127 -4.12 -7.17 7.50
CA THR A 127 -3.10 -8.23 7.35
C THR A 127 -3.61 -9.37 6.46
N PRO A 128 -4.86 -9.88 6.54
CA PRO A 128 -5.24 -10.96 5.64
C PRO A 128 -5.10 -10.62 4.14
N TRP A 129 -5.39 -9.39 3.73
CA TRP A 129 -5.17 -8.94 2.33
C TRP A 129 -3.68 -9.09 2.00
N ALA A 130 -2.80 -8.68 2.91
CA ALA A 130 -1.35 -8.71 2.65
C ALA A 130 -0.91 -10.18 2.45
N GLN A 131 -1.47 -11.09 3.23
CA GLN A 131 -1.13 -12.54 3.19
C GLN A 131 -1.54 -13.10 1.83
N ARG A 132 -2.60 -12.56 1.25
CA ARG A 132 -3.23 -13.10 0.03
C ARG A 132 -2.67 -12.45 -1.22
N GLY A 133 -1.66 -11.58 -1.10
CA GLY A 133 -0.98 -11.01 -2.29
C GLY A 133 -1.49 -9.64 -2.67
N VAL A 134 -2.14 -8.97 -1.73
CA VAL A 134 -2.56 -7.55 -1.90
C VAL A 134 -1.45 -6.74 -1.27
N LEU A 135 -0.71 -5.99 -2.09
CA LEU A 135 0.39 -5.10 -1.62
C LEU A 135 -0.21 -3.74 -1.25
N LEU A 136 -0.15 -3.38 0.02
CA LEU A 136 -0.74 -2.15 0.56
C LEU A 136 0.41 -1.15 0.72
N LEU A 137 0.76 -0.51 -0.39
CA LEU A 137 1.97 0.34 -0.53
C LEU A 137 1.64 1.83 -0.50
N ASN A 138 2.18 2.55 0.48
CA ASN A 138 2.23 4.02 0.51
C ASN A 138 3.45 4.46 -0.31
N ARG A 139 3.37 5.53 -1.08
CA ARG A 139 4.53 6.05 -1.85
C ARG A 139 5.63 6.55 -0.89
N VAL A 140 5.21 7.08 0.27
CA VAL A 140 6.10 7.57 1.36
C VAL A 140 5.80 6.69 2.60
N LEU A 141 6.83 6.08 3.19
CA LEU A 141 6.66 5.01 4.19
C LEU A 141 6.74 5.53 5.64
N THR A 142 7.05 6.81 5.86
CA THR A 142 7.11 7.37 7.25
C THR A 142 6.40 8.70 7.28
N VAL A 143 6.05 9.16 8.47
CA VAL A 143 5.47 10.50 8.69
C VAL A 143 5.87 10.98 10.08
N ARG A 144 5.93 12.29 10.27
CA ARG A 144 6.09 12.85 11.62
C ARG A 144 4.71 12.92 12.25
N PRO A 145 4.50 12.33 13.45
CA PRO A 145 3.18 12.31 14.07
C PRO A 145 2.60 13.74 14.16
N SER A 146 1.32 13.85 13.82
CA SER A 146 0.48 15.07 13.87
C SER A 146 0.87 16.08 12.76
N ASN A 147 1.68 15.67 11.79
CA ASN A 147 2.19 16.56 10.72
C ASN A 147 1.97 15.88 9.37
N PRO A 148 0.74 15.91 8.82
CA PRO A 148 0.44 15.15 7.62
C PRO A 148 1.48 15.45 6.53
N ALA A 149 1.93 14.39 5.85
CA ALA A 149 2.74 14.45 4.60
C ALA A 149 4.10 15.08 4.87
N SER A 150 4.56 15.05 6.11
CA SER A 150 5.81 15.71 6.56
C SER A 150 7.07 15.00 6.02
N HIS A 151 7.00 13.75 5.55
CA HIS A 151 8.22 13.07 5.01
C HIS A 151 8.21 13.00 3.47
N ARG A 152 7.31 13.68 2.78
CA ARG A 152 7.43 13.89 1.31
C ARG A 152 8.84 14.41 0.97
N GLY A 153 9.47 13.85 -0.07
CA GLY A 153 10.74 14.37 -0.60
C GLY A 153 11.95 14.02 0.28
N LYS A 154 11.80 13.17 1.30
CA LYS A 154 12.93 12.76 2.17
C LYS A 154 13.68 11.58 1.57
N GLY A 155 13.21 10.96 0.49
CA GLY A 155 13.93 9.83 -0.13
C GLY A 155 13.08 8.58 -0.34
N TRP A 156 11.86 8.50 0.20
CA TRP A 156 11.02 7.29 0.06
C TRP A 156 10.54 7.12 -1.40
N GLU A 157 10.26 8.22 -2.13
CA GLU A 157 9.58 8.14 -3.45
C GLU A 157 10.41 7.22 -4.36
N ALA A 158 11.75 7.28 -4.30
CA ALA A 158 12.62 6.51 -5.23
C ALA A 158 12.50 5.02 -4.86
N VAL A 159 12.41 4.72 -3.57
CA VAL A 159 12.29 3.32 -3.08
C VAL A 159 10.98 2.71 -3.63
N THR A 160 9.86 3.40 -3.43
CA THR A 160 8.50 2.90 -3.73
C THR A 160 8.32 2.91 -5.24
N GLU A 161 8.99 3.82 -5.96
CA GLU A 161 8.99 3.79 -7.43
C GLU A 161 9.74 2.52 -7.90
N CYS A 162 10.92 2.22 -7.35
CA CYS A 162 11.67 0.99 -7.72
C CYS A 162 10.77 -0.24 -7.44
N ALA A 163 10.07 -0.24 -6.31
CA ALA A 163 9.19 -1.37 -5.93
C ALA A 163 8.12 -1.59 -7.00
N ILE A 164 7.41 -0.54 -7.39
CA ILE A 164 6.29 -0.57 -8.37
C ILE A 164 6.82 -0.95 -9.77
N ARG A 165 7.91 -0.35 -10.24
CA ARG A 165 8.49 -0.71 -11.57
C ARG A 165 8.93 -2.19 -11.57
N ALA A 166 9.48 -2.70 -10.47
CA ALA A 166 9.91 -4.12 -10.32
C ALA A 166 8.68 -5.04 -10.40
N LEU A 167 7.65 -4.69 -9.65
CA LEU A 167 6.37 -5.41 -9.69
C LEU A 167 5.85 -5.44 -11.15
N ALA A 168 5.85 -4.30 -11.85
CA ALA A 168 5.27 -4.17 -13.21
C ALA A 168 6.07 -5.06 -14.17
N ALA A 169 7.39 -5.19 -13.94
CA ALA A 169 8.34 -5.91 -14.83
C ALA A 169 8.18 -7.44 -14.71
N ARG A 170 7.50 -7.95 -13.69
CA ARG A 170 7.33 -9.42 -13.53
C ARG A 170 6.54 -9.98 -14.73
N ALA A 171 6.88 -11.19 -15.15
CA ALA A 171 6.06 -11.97 -16.11
C ALA A 171 4.94 -12.61 -15.29
N ALA A 172 3.98 -11.82 -14.84
CA ALA A 172 2.92 -12.25 -13.91
C ALA A 172 1.81 -11.21 -13.89
N PRO A 173 0.59 -11.62 -13.55
CA PRO A 173 -0.54 -10.70 -13.58
C PRO A 173 -0.47 -9.73 -12.37
N LEU A 174 -1.00 -8.52 -12.60
CA LEU A 174 -1.10 -7.48 -11.54
C LEU A 174 -2.30 -6.60 -11.87
N VAL A 175 -3.12 -6.28 -10.88
CA VAL A 175 -4.16 -5.21 -10.96
C VAL A 175 -3.71 -4.10 -10.02
N ALA A 176 -3.61 -2.88 -10.52
CA ALA A 176 -3.29 -1.67 -9.73
C ALA A 176 -4.59 -0.92 -9.41
N ILE A 177 -4.79 -0.56 -8.15
CA ILE A 177 -5.86 0.34 -7.63
C ILE A 177 -5.17 1.58 -7.04
N LEU A 178 -5.45 2.76 -7.55
CA LEU A 178 -4.72 3.97 -7.11
C LEU A 178 -5.64 4.74 -6.15
N TRP A 179 -5.31 4.73 -4.85
CA TRP A 179 -6.10 5.44 -3.80
C TRP A 179 -5.31 6.60 -3.23
N GLY A 180 -4.22 7.02 -3.89
CA GLY A 180 -3.42 8.21 -3.51
C GLY A 180 -3.34 9.25 -4.62
N ARG A 181 -4.27 9.25 -5.58
CA ARG A 181 -4.64 10.38 -6.49
C ARG A 181 -3.50 10.82 -7.42
N ASP A 182 -2.42 10.07 -7.60
CA ASP A 182 -1.26 10.64 -8.35
C ASP A 182 -1.10 9.86 -9.67
N ALA A 183 -2.17 9.70 -10.44
CA ALA A 183 -2.23 8.73 -11.54
C ALA A 183 -1.18 9.08 -12.59
N SER A 184 -0.92 10.37 -12.83
CA SER A 184 -0.03 10.84 -13.92
C SER A 184 1.43 10.55 -13.57
N THR A 185 1.77 10.35 -12.28
CA THR A 185 3.13 9.93 -11.80
C THR A 185 3.22 8.39 -11.78
N LEU A 186 2.13 7.72 -11.39
CA LEU A 186 2.08 6.25 -11.17
C LEU A 186 1.85 5.47 -12.47
N LYS A 187 0.95 5.90 -13.36
CA LYS A 187 0.64 5.17 -14.62
C LYS A 187 1.89 4.89 -15.44
N PRO A 188 2.83 5.84 -15.66
CA PRO A 188 4.08 5.55 -16.37
C PRO A 188 4.97 4.44 -15.76
N MET A 189 5.05 4.36 -14.43
CA MET A 189 5.78 3.29 -13.70
C MET A 189 5.18 1.90 -14.00
N LEU A 190 3.88 1.82 -14.33
CA LEU A 190 3.08 0.56 -14.41
C LEU A 190 2.85 0.17 -15.86
N ALA A 191 2.36 1.11 -16.67
CA ALA A 191 1.89 0.87 -18.06
C ALA A 191 3.04 0.25 -18.88
N ALA A 192 4.28 0.41 -18.40
CA ALA A 192 5.50 -0.21 -18.96
C ALA A 192 5.58 -1.71 -18.63
N GLY A 193 4.52 -2.30 -18.09
CA GLY A 193 4.45 -3.74 -17.73
C GLY A 193 3.87 -4.55 -18.87
N ASN A 194 3.76 -5.87 -18.71
CA ASN A 194 3.25 -6.80 -19.74
C ASN A 194 1.81 -7.22 -19.42
N CYS A 195 1.49 -7.58 -18.16
CA CYS A 195 0.16 -8.13 -17.73
C CYS A 195 -0.38 -7.33 -16.54
N VAL A 196 -0.33 -5.99 -16.62
CA VAL A 196 -0.83 -5.05 -15.57
C VAL A 196 -2.11 -4.38 -16.07
N ALA A 197 -3.22 -4.53 -15.36
CA ALA A 197 -4.44 -3.74 -15.59
C ALA A 197 -4.51 -2.68 -14.48
N ILE A 198 -4.69 -1.42 -14.84
CA ILE A 198 -4.90 -0.29 -13.88
C ILE A 198 -6.41 -0.04 -13.79
N GLU A 199 -6.99 -0.09 -12.60
CA GLU A 199 -8.39 0.34 -12.44
C GLU A 199 -8.45 1.86 -12.59
N SER A 200 -9.16 2.33 -13.62
CA SER A 200 -9.48 3.74 -13.85
C SER A 200 -10.99 3.89 -13.75
N PRO A 201 -11.56 5.08 -13.39
CA PRO A 201 -10.80 6.25 -12.93
C PRO A 201 -10.23 6.06 -11.51
N HIS A 202 -9.76 7.16 -10.89
CA HIS A 202 -8.88 7.11 -9.68
C HIS A 202 -9.46 7.87 -8.50
N PRO A 203 -10.74 7.59 -8.09
CA PRO A 203 -11.30 8.25 -6.90
C PRO A 203 -10.49 7.73 -5.70
N SER A 204 -10.26 8.54 -4.66
CA SER A 204 -9.63 8.08 -3.39
C SER A 204 -10.72 7.89 -2.34
N PRO A 205 -10.50 7.09 -1.26
CA PRO A 205 -11.55 6.81 -0.29
C PRO A 205 -12.25 8.07 0.27
N LEU A 206 -11.55 9.22 0.35
CA LEU A 206 -12.16 10.47 0.89
C LEU A 206 -13.05 11.17 -0.18
N SER A 207 -12.96 10.78 -1.45
N SER A 207 -12.94 10.76 -1.46
CA SER A 207 -13.86 11.31 -2.50
CA SER A 207 -13.83 11.16 -2.58
C SER A 207 -15.29 10.82 -2.24
C SER A 207 -15.28 10.84 -2.18
N ALA A 208 -15.42 9.77 -1.42
CA ALA A 208 -16.70 9.23 -0.92
C ALA A 208 -17.71 9.17 -2.08
N SER A 209 -18.81 9.94 -2.01
CA SER A 209 -19.97 9.71 -2.91
C SER A 209 -19.79 10.49 -4.20
N ARG A 210 -18.67 11.20 -4.33
CA ARG A 210 -18.27 11.87 -5.58
C ARG A 210 -17.33 10.96 -6.40
N GLY A 211 -17.40 9.64 -6.24
CA GLY A 211 -16.76 8.71 -7.19
C GLY A 211 -16.24 7.46 -6.53
N PHE A 212 -15.94 7.45 -5.24
CA PHE A 212 -15.33 6.26 -4.58
C PHE A 212 -16.39 5.18 -4.35
N PHE A 213 -17.50 5.53 -3.72
CA PHE A 213 -18.59 4.57 -3.47
C PHE A 213 -19.14 4.16 -4.84
N GLY A 214 -19.28 2.85 -5.07
CA GLY A 214 -19.71 2.30 -6.36
C GLY A 214 -18.56 2.12 -7.34
N SER A 215 -17.30 2.41 -7.00
CA SER A 215 -16.14 2.16 -7.88
C SER A 215 -15.85 0.64 -8.03
N ARG A 216 -16.43 -0.20 -7.16
CA ARG A 216 -16.35 -1.67 -7.24
C ARG A 216 -14.89 -2.14 -7.38
N PRO A 217 -13.94 -1.63 -6.56
CA PRO A 217 -12.52 -1.93 -6.77
C PRO A 217 -12.19 -3.42 -6.59
N PHE A 218 -12.87 -4.07 -5.64
CA PHE A 218 -12.61 -5.48 -5.25
C PHE A 218 -13.13 -6.46 -6.31
N SER A 219 -14.42 -6.37 -6.69
CA SER A 219 -15.02 -7.28 -7.68
C SER A 219 -14.31 -7.02 -9.02
N ARG A 220 -13.99 -5.78 -9.32
CA ARG A 220 -13.37 -5.45 -10.62
C ARG A 220 -11.95 -6.03 -10.66
N ALA A 221 -11.21 -6.00 -9.57
CA ALA A 221 -9.84 -6.57 -9.53
C ALA A 221 -9.92 -8.09 -9.79
N ASN A 222 -10.90 -8.79 -9.23
CA ASN A 222 -11.09 -10.24 -9.44
C ASN A 222 -11.50 -10.50 -10.90
N GLU A 223 -12.38 -9.68 -11.48
CA GLU A 223 -12.79 -9.87 -12.90
C GLU A 223 -11.53 -9.75 -13.77
N LEU A 224 -10.68 -8.77 -13.47
CA LEU A 224 -9.45 -8.49 -14.23
C LEU A 224 -8.40 -9.61 -14.02
N LEU A 225 -8.25 -10.13 -12.80
CA LEU A 225 -7.27 -11.24 -12.51
C LEU A 225 -7.76 -12.51 -13.25
N VAL A 226 -9.04 -12.88 -13.10
CA VAL A 226 -9.63 -14.07 -13.78
C VAL A 226 -9.48 -13.91 -15.31
N GLY A 227 -9.66 -12.71 -15.85
CA GLY A 227 -9.45 -12.37 -17.27
C GLY A 227 -7.99 -12.52 -17.71
N MET A 228 -7.02 -12.48 -16.79
CA MET A 228 -5.59 -12.62 -17.17
C MET A 228 -5.11 -14.04 -16.81
N GLY A 229 -6.06 -14.92 -16.50
CA GLY A 229 -5.83 -16.33 -16.11
C GLY A 229 -5.22 -16.49 -14.73
N ALA A 230 -5.46 -15.56 -13.79
CA ALA A 230 -4.99 -15.70 -12.38
C ALA A 230 -6.17 -16.04 -11.47
N GLU A 231 -5.90 -16.47 -10.25
CA GLU A 231 -6.96 -16.73 -9.25
C GLU A 231 -7.43 -15.38 -8.72
N PRO A 232 -8.73 -15.23 -8.35
CA PRO A 232 -9.23 -14.04 -7.69
C PRO A 232 -8.60 -13.94 -6.28
N ILE A 233 -8.73 -12.78 -5.67
CA ILE A 233 -8.39 -12.56 -4.25
C ILE A 233 -9.62 -12.92 -3.43
N ASP A 234 -9.44 -13.65 -2.34
CA ASP A 234 -10.49 -13.74 -1.30
C ASP A 234 -10.35 -12.49 -0.44
N TRP A 235 -11.27 -11.55 -0.59
CA TRP A 235 -11.23 -10.23 0.11
C TRP A 235 -11.76 -10.34 1.53
N ARG A 236 -12.40 -11.46 1.89
CA ARG A 236 -13.22 -11.56 3.12
C ARG A 236 -12.33 -11.34 4.36
N LEU A 237 -12.66 -10.35 5.17
CA LEU A 237 -11.99 -10.09 6.47
C LEU A 237 -12.86 -10.70 7.58
N PRO A 238 -12.26 -11.06 8.74
CA PRO A 238 -13.00 -11.51 9.91
C PRO A 238 -13.90 -10.40 10.49
#